data_2FTO
#
_entry.id   2FTO
#
_cell.length_a   72.080
_cell.length_b   72.080
_cell.length_c   115.210
_cell.angle_alpha   90.00
_cell.angle_beta   90.00
_cell.angle_gamma   120.00
#
_symmetry.space_group_name_H-M   'P 31 2 1'
#
loop_
_entity.id
_entity.type
_entity.pdbx_description
1 polymer 'Thymidylate synthase'
2 non-polymer 'PHOSPHATE ION'
3 non-polymer "THYMIDINE-5'-PHOSPHATE"
4 non-polymer '10-PROPARGYL-5,8-DIDEAZAFOLIC ACID'
5 water water
#
_entity_poly.entity_id   1
_entity_poly.type   'polypeptide(L)'
_entity_poly.pdbx_seq_one_letter_code
;(CXM)KQYLELMQKVLDEGTQKNDRTGTGTLSIFGHQMRFNLQDGFPLVTTKRCHLRSIIHELLWFLQGDTNIAYLHENN
VTIWDEWADENGDLGPVFGKQWRAWPTPDGRHIDQITTVLNQLKNDPDSRRIIVSAWNVGELDKMALAPCHAFFQFYVAD
GKLSCQLYQRSCDVFLGLPFNIASYALLVHMMAQQCDLEVGDFVWTGGDTHLYSNHMDQTHLQLSREPRPLPKLIIKRKP
ESIFDYRFEDFEIEGYDPHPGIKAPVAI
;
_entity_poly.pdbx_strand_id   X
#
# COMPACT_ATOMS: atom_id res chain seq x y z
N LYS A 2 -11.46 -12.65 -4.16
CA LYS A 2 -12.51 -13.11 -3.28
C LYS A 2 -12.55 -12.29 -1.98
N GLN A 3 -11.42 -12.15 -1.29
CA GLN A 3 -11.40 -11.44 -0.01
C GLN A 3 -11.83 -9.99 -0.25
N TYR A 4 -11.41 -9.45 -1.39
CA TYR A 4 -11.69 -8.05 -1.70
C TYR A 4 -13.18 -7.75 -2.02
N LEU A 5 -13.84 -8.61 -2.79
CA LEU A 5 -15.26 -8.43 -3.05
C LEU A 5 -16.11 -8.70 -1.81
N GLU A 6 -15.71 -9.66 -0.98
CA GLU A 6 -16.37 -9.90 0.32
C GLU A 6 -16.35 -8.66 1.20
N LEU A 7 -15.23 -7.93 1.19
CA LEU A 7 -15.18 -6.68 1.91
C LEU A 7 -16.13 -5.63 1.32
N MET A 8 -16.07 -5.44 0.00
CA MET A 8 -17.02 -4.54 -0.65
C MET A 8 -18.47 -4.78 -0.22
N GLN A 9 -18.89 -6.04 -0.23
CA GLN A 9 -20.27 -6.39 0.08
C GLN A 9 -20.58 -6.14 1.55
N LYS A 10 -19.63 -6.45 2.44
CA LYS A 10 -19.75 -6.20 3.88
C LYS A 10 -19.96 -4.73 4.15
N VAL A 11 -19.20 -3.86 3.47
CA VAL A 11 -19.36 -2.43 3.67
C VAL A 11 -20.77 -2.00 3.20
N LEU A 12 -21.25 -2.52 2.07
CA LEU A 12 -22.60 -2.18 1.60
C LEU A 12 -23.70 -2.66 2.55
N ASP A 13 -23.56 -3.87 3.08
CA ASP A 13 -24.55 -4.47 3.99
C ASP A 13 -24.53 -3.94 5.43
N GLU A 14 -23.35 -3.59 5.94
CA GLU A 14 -23.14 -3.28 7.35
C GLU A 14 -22.62 -1.88 7.61
N GLY A 15 -22.25 -1.16 6.56
CA GLY A 15 -21.71 0.18 6.71
C GLY A 15 -22.78 1.17 7.15
N THR A 16 -22.40 2.10 8.01
CA THR A 16 -23.30 3.20 8.38
CA THR A 16 -23.32 3.18 8.38
C THR A 16 -22.89 4.45 7.64
N GLN A 17 -23.85 5.32 7.33
CA GLN A 17 -23.59 6.55 6.64
C GLN A 17 -22.86 7.45 7.56
N LYS A 18 -21.78 8.03 7.04
CA LYS A 18 -20.91 8.84 7.86
C LYS A 18 -20.54 10.04 6.98
N ASN A 19 -20.59 11.23 7.54
CA ASN A 19 -19.92 12.34 6.89
C ASN A 19 -18.41 12.18 6.92
N ASP A 20 -17.69 12.89 6.06
CA ASP A 20 -16.24 12.78 6.00
C ASP A 20 -15.60 14.13 5.68
N ARG A 21 -14.30 14.21 5.98
CA ARG A 21 -13.44 15.37 5.69
C ARG A 21 -13.71 16.02 4.33
N THR A 22 -13.79 15.19 3.28
CA THR A 22 -13.94 15.66 1.88
C THR A 22 -15.32 16.24 1.53
N GLY A 23 -16.32 16.02 2.38
CA GLY A 23 -17.68 16.47 2.09
C GLY A 23 -18.46 15.60 1.12
N THR A 24 -17.96 14.40 0.86
CA THR A 24 -18.57 13.49 -0.11
C THR A 24 -19.62 12.55 0.53
N GLY A 25 -19.31 12.08 1.75
CA GLY A 25 -20.14 11.09 2.42
C GLY A 25 -19.68 9.70 2.08
N THR A 26 -19.74 8.80 3.06
CA THR A 26 -19.28 7.43 2.89
C THR A 26 -20.24 6.49 3.57
N LEU A 27 -20.19 5.21 3.18
CA LEU A 27 -20.63 4.10 4.02
C LEU A 27 -19.37 3.51 4.63
N SER A 28 -19.39 3.32 5.96
CA SER A 28 -18.17 3.06 6.75
C SER A 28 -18.35 1.92 7.72
N ILE A 29 -17.35 1.04 7.84
CA ILE A 29 -17.28 0.11 8.96
C ILE A 29 -15.94 0.38 9.67
N PHE A 30 -15.82 -0.12 10.88
CA PHE A 30 -14.60 0.08 11.65
C PHE A 30 -14.01 -1.23 12.06
N GLY A 31 -12.80 -1.50 11.60
CA GLY A 31 -12.09 -2.71 12.01
C GLY A 31 -12.38 -3.88 11.11
N HIS A 32 -11.39 -4.24 10.29
CA HIS A 32 -11.52 -5.40 9.44
C HIS A 32 -10.13 -5.97 9.20
N GLN A 33 -10.08 -7.27 8.91
CA GLN A 33 -8.82 -7.91 8.67
C GLN A 33 -9.01 -8.95 7.58
N MET A 34 -8.04 -8.98 6.67
CA MET A 34 -7.96 -10.09 5.73
C MET A 34 -6.52 -10.51 5.50
N ARG A 35 -6.36 -11.74 4.99
CA ARG A 35 -5.05 -12.34 4.87
C ARG A 35 -4.88 -12.87 3.44
N PHE A 36 -3.71 -12.58 2.86
CA PHE A 36 -3.38 -13.07 1.52
C PHE A 36 -2.14 -13.92 1.63
N ASN A 37 -2.28 -15.20 1.29
CA ASN A 37 -1.12 -16.07 1.25
C ASN A 37 -0.42 -15.81 -0.08
N LEU A 38 0.78 -15.21 0.00
CA LEU A 38 1.50 -14.78 -1.18
C LEU A 38 1.98 -15.90 -2.10
N GLN A 39 2.05 -17.12 -1.57
CA GLN A 39 2.35 -18.31 -2.36
C GLN A 39 1.21 -18.71 -3.29
N ASP A 40 0.01 -18.21 -3.04
CA ASP A 40 -1.18 -18.54 -3.84
C ASP A 40 -1.22 -17.70 -5.11
N GLY A 41 -0.45 -16.64 -5.12
CA GLY A 41 -0.43 -15.73 -6.26
C GLY A 41 -0.31 -14.27 -5.80
N PHE A 42 -0.01 -13.39 -6.75
CA PHE A 42 0.16 -11.99 -6.43
C PHE A 42 -1.20 -11.31 -6.34
N PRO A 43 -1.52 -10.72 -5.16
CA PRO A 43 -2.88 -10.20 -4.90
C PRO A 43 -3.18 -8.87 -5.59
N LEU A 44 -3.33 -8.94 -6.92
CA LEU A 44 -3.67 -7.79 -7.71
C LEU A 44 -5.12 -7.99 -8.15
N VAL A 45 -5.98 -7.01 -7.91
CA VAL A 45 -7.38 -7.25 -8.23
C VAL A 45 -7.57 -7.46 -9.75
N THR A 46 -8.44 -8.41 -10.08
CA THR A 46 -8.69 -8.81 -11.49
C THR A 46 -10.09 -8.42 -11.96
N THR A 47 -10.98 -8.01 -11.03
CA THR A 47 -12.36 -7.64 -11.42
C THR A 47 -12.44 -6.20 -11.90
N LYS A 48 -11.30 -5.52 -11.87
CA LYS A 48 -11.08 -4.34 -12.69
C LYS A 48 -9.58 -4.21 -13.01
N ARG A 49 -9.26 -3.59 -14.14
CA ARG A 49 -7.86 -3.40 -14.50
C ARG A 49 -7.20 -2.36 -13.60
N CYS A 50 -6.13 -2.79 -12.93
CA CYS A 50 -5.30 -1.91 -12.11
C CYS A 50 -4.07 -1.42 -12.88
N HIS A 51 -3.73 -0.15 -12.70
CA HIS A 51 -2.56 0.43 -13.36
C HIS A 51 -1.26 0.13 -12.62
N LEU A 52 -0.62 -0.97 -12.99
CA LEU A 52 0.61 -1.42 -12.34
C LEU A 52 1.75 -0.41 -12.37
N ARG A 53 1.85 0.34 -13.46
CA ARG A 53 2.90 1.34 -13.55
C ARG A 53 2.87 2.33 -12.35
N SER A 54 1.68 2.83 -11.99
CA SER A 54 1.51 3.77 -10.88
C SER A 54 1.85 3.06 -9.58
N ILE A 55 1.39 1.81 -9.44
CA ILE A 55 1.66 1.05 -8.24
C ILE A 55 3.15 0.85 -8.02
N ILE A 56 3.87 0.34 -9.02
CA ILE A 56 5.27 0.06 -8.84
C ILE A 56 6.09 1.33 -8.57
N HIS A 57 5.87 2.39 -9.38
CA HIS A 57 6.67 3.63 -9.23
C HIS A 57 6.45 4.35 -7.92
N GLU A 58 5.22 4.27 -7.40
CA GLU A 58 4.94 4.87 -6.10
C GLU A 58 5.79 4.19 -5.02
N LEU A 59 5.94 2.88 -5.09
CA LEU A 59 6.74 2.19 -4.08
C LEU A 59 8.25 2.50 -4.17
N LEU A 60 8.76 2.52 -5.40
CA LEU A 60 10.16 2.85 -5.66
C LEU A 60 10.45 4.25 -5.17
N TRP A 61 9.49 5.15 -5.37
CA TRP A 61 9.53 6.51 -4.87
C TRP A 61 9.57 6.54 -3.31
N PHE A 62 8.68 5.81 -2.62
CA PHE A 62 8.77 5.73 -1.14
C PHE A 62 10.18 5.31 -0.71
N LEU A 63 10.70 4.26 -1.33
CA LEU A 63 12.00 3.68 -0.97
C LEU A 63 13.20 4.58 -1.20
N GLN A 64 13.12 5.52 -2.14
CA GLN A 64 14.14 6.56 -2.33
C GLN A 64 14.13 7.62 -1.23
N GLY A 65 13.01 7.72 -0.53
CA GLY A 65 12.88 8.70 0.54
C GLY A 65 12.41 10.03 0.02
N ASP A 66 11.81 10.01 -1.16
CA ASP A 66 11.39 11.19 -1.90
C ASP A 66 9.96 11.53 -1.53
N THR A 67 9.68 12.83 -1.41
CA THR A 67 8.33 13.30 -1.11
C THR A 67 7.88 14.39 -2.09
N ASN A 68 8.68 14.63 -3.12
CA ASN A 68 8.35 15.57 -4.16
C ASN A 68 7.86 14.76 -5.37
N ILE A 69 6.84 15.23 -6.07
CA ILE A 69 6.19 14.38 -7.10
C ILE A 69 6.91 14.40 -8.46
N ALA A 70 8.04 15.13 -8.56
CA ALA A 70 8.78 15.24 -9.84
C ALA A 70 9.17 13.87 -10.40
N TYR A 71 9.71 13.00 -9.55
CA TYR A 71 10.02 11.63 -9.94
C TYR A 71 8.80 10.90 -10.55
N LEU A 72 7.65 10.99 -9.90
CA LEU A 72 6.42 10.41 -10.44
C LEU A 72 6.07 10.99 -11.82
N HIS A 73 6.12 12.31 -11.95
CA HIS A 73 5.87 12.98 -13.25
C HIS A 73 6.80 12.51 -14.37
N GLU A 74 8.10 12.43 -14.07
CA GLU A 74 9.12 11.92 -14.98
C GLU A 74 8.72 10.55 -15.52
N ASN A 75 7.90 9.83 -14.77
CA ASN A 75 7.49 8.50 -15.13
C ASN A 75 6.02 8.39 -15.45
N ASN A 76 5.41 9.54 -15.74
CA ASN A 76 4.00 9.68 -16.11
C ASN A 76 3.00 9.04 -15.12
N VAL A 77 3.23 9.30 -13.84
CA VAL A 77 2.40 8.84 -12.76
C VAL A 77 1.82 10.08 -12.10
N THR A 78 0.50 10.17 -12.08
CA THR A 78 -0.16 11.39 -11.65
C THR A 78 -1.06 11.29 -10.41
N ILE A 79 -0.93 10.18 -9.68
CA ILE A 79 -1.84 9.82 -8.59
C ILE A 79 -1.74 10.73 -7.36
N TRP A 80 -0.62 11.45 -7.25
CA TRP A 80 -0.38 12.36 -6.12
C TRP A 80 -0.51 13.86 -6.44
N ASP A 81 -0.92 14.20 -7.67
CA ASP A 81 -0.99 15.60 -8.11
C ASP A 81 -1.90 16.49 -7.27
N GLU A 82 -3.02 15.95 -6.82
CA GLU A 82 -4.01 16.79 -6.14
C GLU A 82 -3.56 17.39 -4.82
N TRP A 83 -2.60 16.77 -4.16
CA TRP A 83 -2.23 17.14 -2.80
C TRP A 83 -0.90 17.88 -2.71
N ALA A 84 -0.18 17.97 -3.83
CA ALA A 84 1.13 18.61 -3.85
C ALA A 84 1.01 20.12 -3.90
N ASP A 85 1.96 20.83 -3.29
CA ASP A 85 1.94 22.29 -3.40
C ASP A 85 2.47 22.71 -4.76
N GLU A 86 2.77 24.00 -4.89
CA GLU A 86 3.14 24.62 -6.17
C GLU A 86 4.54 24.15 -6.61
N ASN A 87 5.39 23.80 -5.64
CA ASN A 87 6.71 23.22 -5.90
C ASN A 87 6.72 21.70 -6.09
N GLY A 88 5.53 21.10 -6.08
CA GLY A 88 5.38 19.65 -6.20
C GLY A 88 5.65 18.88 -4.91
N ASP A 89 5.70 19.59 -3.77
CA ASP A 89 6.01 18.96 -2.48
C ASP A 89 4.78 18.50 -1.70
N LEU A 90 4.95 17.40 -0.97
CA LEU A 90 3.90 16.86 -0.11
C LEU A 90 4.19 17.01 1.38
N GLY A 91 5.42 17.42 1.71
CA GLY A 91 5.85 17.50 3.10
C GLY A 91 6.39 16.15 3.50
N PRO A 92 6.76 15.98 4.78
CA PRO A 92 7.54 14.80 5.14
C PRO A 92 6.65 13.58 5.31
N VAL A 93 6.03 13.18 4.20
CA VAL A 93 5.17 12.00 4.18
C VAL A 93 5.98 10.68 4.08
N PHE A 94 5.33 9.62 3.69
CA PHE A 94 5.89 8.25 3.69
C PHE A 94 7.39 8.10 3.55
N GLY A 95 7.91 8.48 2.38
CA GLY A 95 9.30 8.22 2.04
C GLY A 95 10.25 8.83 3.03
N LYS A 96 9.96 10.06 3.46
CA LYS A 96 10.81 10.77 4.42
C LYS A 96 10.85 10.07 5.79
N GLN A 97 9.69 9.59 6.26
CA GLN A 97 9.62 8.91 7.58
C GLN A 97 10.25 7.55 7.50
N TRP A 98 10.07 6.86 6.35
CA TRP A 98 10.69 5.55 6.18
C TRP A 98 12.21 5.65 6.14
N ARG A 99 12.73 6.67 5.46
CA ARG A 99 14.19 6.71 5.21
C ARG A 99 14.98 7.59 6.15
N ALA A 100 14.32 8.56 6.77
CA ALA A 100 14.99 9.64 7.50
C ALA A 100 14.06 10.27 8.53
N TRP A 101 13.50 9.44 9.39
CA TRP A 101 12.72 9.93 10.53
C TRP A 101 13.61 10.82 11.41
N PRO A 102 13.25 12.10 11.55
CA PRO A 102 14.07 13.03 12.36
C PRO A 102 13.87 12.88 13.86
N THR A 103 14.96 12.85 14.61
CA THR A 103 14.88 12.71 16.06
C THR A 103 15.00 14.09 16.73
N PRO A 104 14.60 14.18 18.03
CA PRO A 104 14.81 15.39 18.83
C PRO A 104 16.28 15.81 18.87
N ASP A 105 17.19 14.87 19.11
CA ASP A 105 18.63 15.19 19.17
C ASP A 105 19.37 15.46 17.82
N GLY A 106 18.63 15.63 16.74
CA GLY A 106 19.24 15.98 15.44
C GLY A 106 19.65 14.84 14.50
N ARG A 107 19.34 13.59 14.88
CA ARG A 107 19.65 12.42 14.03
C ARG A 107 18.51 12.12 13.03
N HIS A 108 18.79 11.27 12.05
CA HIS A 108 17.78 10.80 11.12
C HIS A 108 17.91 9.31 11.08
N ILE A 109 16.80 8.63 11.27
CA ILE A 109 16.83 7.19 11.36
C ILE A 109 16.24 6.61 10.09
N ASP A 110 16.99 5.69 9.50
CA ASP A 110 16.56 5.04 8.29
C ASP A 110 15.90 3.76 8.76
N GLN A 111 14.58 3.78 8.80
CA GLN A 111 13.86 2.60 9.27
C GLN A 111 13.98 1.40 8.37
N ILE A 112 14.18 1.60 7.07
CA ILE A 112 14.22 0.45 6.15
C ILE A 112 15.54 -0.34 6.35
N THR A 113 16.62 0.41 6.56
CA THR A 113 17.92 -0.21 6.82
C THR A 113 17.89 -0.92 8.16
N THR A 114 17.21 -0.34 9.14
CA THR A 114 17.11 -1.01 10.45
C THR A 114 16.39 -2.36 10.30
N VAL A 115 15.27 -2.36 9.58
CA VAL A 115 14.50 -3.59 9.36
C VAL A 115 15.31 -4.69 8.69
N LEU A 116 16.04 -4.32 7.63
CA LEU A 116 16.91 -5.25 6.96
C LEU A 116 17.94 -5.84 7.94
N ASN A 117 18.53 -5.01 8.79
CA ASN A 117 19.47 -5.50 9.79
C ASN A 117 18.80 -6.46 10.76
N GLN A 118 17.57 -6.13 11.20
CA GLN A 118 16.84 -7.03 12.10
C GLN A 118 16.47 -8.33 11.43
N LEU A 119 16.07 -8.26 10.16
CA LEU A 119 15.70 -9.50 9.48
C LEU A 119 16.91 -10.43 9.31
N LYS A 120 18.06 -9.83 9.05
CA LYS A 120 19.28 -10.59 8.83
C LYS A 120 19.95 -11.10 10.12
N ASN A 121 19.73 -10.45 11.24
CA ASN A 121 20.45 -10.75 12.50
C ASN A 121 19.54 -11.16 13.65
N ASP A 122 18.25 -10.86 13.55
CA ASP A 122 17.34 -11.21 14.65
C ASP A 122 15.95 -11.48 14.14
N PRO A 123 15.80 -12.47 13.25
CA PRO A 123 14.52 -12.71 12.57
C PRO A 123 13.36 -13.07 13.51
N ASP A 124 13.65 -13.58 14.72
CA ASP A 124 12.56 -13.90 15.65
C ASP A 124 12.00 -12.69 16.39
N SER A 125 12.61 -11.53 16.18
CA SER A 125 12.22 -10.31 16.86
C SER A 125 10.76 -9.93 16.63
N ARG A 126 10.12 -9.49 17.72
CA ARG A 126 8.73 -9.10 17.66
C ARG A 126 8.59 -7.61 17.49
N ARG A 127 9.69 -6.93 17.14
CA ARG A 127 9.75 -5.47 17.07
C ARG A 127 10.21 -5.01 15.68
N ILE A 128 9.97 -5.80 14.64
CA ILE A 128 10.42 -5.40 13.30
C ILE A 128 9.34 -4.54 12.66
N ILE A 129 9.44 -3.23 12.90
CA ILE A 129 8.34 -2.31 12.64
C ILE A 129 8.81 -1.09 11.84
N VAL A 130 7.95 -0.60 10.93
CA VAL A 130 8.20 0.71 10.28
C VAL A 130 6.96 1.55 10.55
N SER A 131 7.18 2.77 11.02
CA SER A 131 6.04 3.65 11.23
C SER A 131 6.19 4.93 10.43
N ALA A 132 5.12 5.35 9.78
CA ALA A 132 5.10 6.68 9.14
C ALA A 132 4.43 7.71 10.05
N TRP A 133 3.91 7.26 11.19
CA TRP A 133 3.10 8.11 12.02
C TRP A 133 3.99 8.92 12.97
N ASN A 134 4.58 9.96 12.41
CA ASN A 134 5.48 10.83 13.17
C ASN A 134 4.66 12.02 13.65
N VAL A 135 4.25 11.90 14.91
CA VAL A 135 3.38 12.85 15.57
C VAL A 135 3.93 14.28 15.45
N GLY A 136 5.24 14.42 15.60
CA GLY A 136 5.87 15.73 15.59
C GLY A 136 5.92 16.44 14.24
N GLU A 137 5.61 15.71 13.15
CA GLU A 137 5.64 16.28 11.80
C GLU A 137 4.30 16.20 11.08
N LEU A 138 3.26 15.69 11.74
CA LEU A 138 1.93 15.60 11.14
C LEU A 138 1.46 16.93 10.54
N ASP A 139 1.68 18.03 11.27
CA ASP A 139 1.21 19.34 10.80
C ASP A 139 1.85 19.81 9.51
N LYS A 140 2.96 19.20 9.10
CA LYS A 140 3.64 19.58 7.86
C LYS A 140 3.26 18.70 6.65
N MET A 141 2.51 17.62 6.89
CA MET A 141 2.17 16.64 5.84
C MET A 141 0.92 17.02 5.08
N ALA A 142 0.94 16.84 3.76
CA ALA A 142 -0.21 17.20 2.90
C ALA A 142 -1.43 16.37 3.26
N LEU A 143 -1.20 15.12 3.57
CA LEU A 143 -2.27 14.23 4.02
C LEU A 143 -1.59 13.40 5.11
N ALA A 144 -2.25 13.18 6.25
CA ALA A 144 -1.73 12.24 7.27
C ALA A 144 -1.62 10.81 6.71
N PRO A 145 -0.53 10.07 7.05
CA PRO A 145 -0.32 8.72 6.46
C PRO A 145 -1.52 7.77 6.71
N CYS A 146 -2.15 7.26 5.66
CA CYS A 146 -3.28 6.33 5.87
CA CYS A 146 -3.28 6.33 5.79
CA CYS A 146 -3.27 6.35 5.86
C CYS A 146 -2.77 4.94 6.10
N HIS A 147 -1.73 4.52 5.39
CA HIS A 147 -1.09 3.23 5.68
C HIS A 147 0.06 3.61 6.62
N ALA A 148 -0.16 3.42 7.91
CA ALA A 148 0.62 4.20 8.88
C ALA A 148 1.73 3.41 9.55
N PHE A 149 1.61 2.08 9.56
CA PHE A 149 2.38 1.30 10.53
C PHE A 149 2.38 -0.12 9.97
N PHE A 150 3.55 -0.76 9.89
CA PHE A 150 3.61 -2.17 9.48
C PHE A 150 4.68 -2.97 10.18
N GLN A 151 4.46 -4.27 10.24
CA GLN A 151 5.31 -5.17 11.02
C GLN A 151 5.65 -6.39 10.18
N PHE A 152 6.93 -6.77 10.22
CA PHE A 152 7.37 -8.04 9.63
C PHE A 152 7.49 -9.13 10.71
N TYR A 153 7.42 -10.38 10.26
CA TYR A 153 7.42 -11.54 11.11
C TYR A 153 8.02 -12.66 10.28
N VAL A 154 8.91 -13.45 10.88
CA VAL A 154 9.51 -14.59 10.21
C VAL A 154 9.20 -15.84 11.02
N ALA A 155 8.69 -16.86 10.34
CA ALA A 155 8.59 -18.20 10.95
C ALA A 155 8.69 -19.23 9.83
N ASP A 156 9.44 -20.32 10.10
CA ASP A 156 9.55 -21.45 9.15
C ASP A 156 10.10 -21.02 7.78
N GLY A 157 11.04 -20.07 7.81
CA GLY A 157 11.64 -19.60 6.57
C GLY A 157 10.82 -18.68 5.70
N LYS A 158 9.67 -18.23 6.20
CA LYS A 158 8.80 -17.35 5.41
C LYS A 158 8.65 -15.98 6.04
N LEU A 159 8.64 -14.96 5.18
CA LEU A 159 8.43 -13.56 5.61
C LEU A 159 6.95 -13.17 5.51
N SER A 160 6.34 -12.80 6.64
CA SER A 160 4.99 -12.22 6.65
C SER A 160 5.05 -10.72 6.99
N CYS A 161 3.98 -10.00 6.67
CA CYS A 161 3.92 -8.58 6.96
C CYS A 161 2.46 -8.19 7.30
N GLN A 162 2.27 -7.38 8.34
CA GLN A 162 0.93 -6.89 8.62
C GLN A 162 0.94 -5.39 8.52
N LEU A 163 -0.03 -4.84 7.80
CA LEU A 163 -0.18 -3.39 7.66
C LEU A 163 -1.37 -2.95 8.51
N TYR A 164 -1.20 -1.90 9.33
CA TYR A 164 -2.32 -1.14 9.84
C TYR A 164 -2.61 0.11 8.98
N GLN A 165 -3.81 0.13 8.38
CA GLN A 165 -4.29 1.24 7.57
C GLN A 165 -5.46 1.92 8.29
N ARG A 166 -5.25 3.16 8.74
CA ARG A 166 -6.23 3.86 9.61
C ARG A 166 -7.52 4.26 8.86
N SER A 167 -7.38 4.42 7.54
CA SER A 167 -8.43 4.95 6.71
C SER A 167 -8.28 4.30 5.32
N CYS A 168 -9.35 3.76 4.78
CA CYS A 168 -9.24 2.99 3.58
C CYS A 168 -10.40 3.29 2.62
N ASP A 169 -10.07 3.88 1.47
CA ASP A 169 -11.00 4.03 0.35
C ASP A 169 -11.03 2.67 -0.36
N VAL A 170 -12.08 1.89 -0.14
CA VAL A 170 -12.12 0.49 -0.59
C VAL A 170 -12.05 0.39 -2.11
N PHE A 171 -12.69 1.31 -2.81
CA PHE A 171 -12.78 1.23 -4.27
C PHE A 171 -11.49 1.67 -4.98
N LEU A 172 -11.01 2.87 -4.65
CA LEU A 172 -9.86 3.43 -5.36
C LEU A 172 -8.51 3.04 -4.75
N GLY A 173 -8.38 3.24 -3.44
CA GLY A 173 -7.10 3.12 -2.76
C GLY A 173 -6.72 1.68 -2.46
N LEU A 174 -7.65 0.92 -1.91
CA LEU A 174 -7.29 -0.41 -1.42
C LEU A 174 -6.59 -1.34 -2.40
N PRO A 175 -7.08 -1.45 -3.68
CA PRO A 175 -6.36 -2.34 -4.65
C PRO A 175 -4.88 -1.95 -4.78
N PHE A 176 -4.58 -0.65 -4.75
CA PHE A 176 -3.19 -0.17 -4.81
C PHE A 176 -2.43 -0.57 -3.54
N ASN A 177 -3.03 -0.31 -2.36
CA ASN A 177 -2.35 -0.61 -1.08
C ASN A 177 -2.00 -2.08 -0.95
N ILE A 178 -2.93 -2.97 -1.32
CA ILE A 178 -2.65 -4.40 -1.23
C ILE A 178 -1.46 -4.80 -2.11
N ALA A 179 -1.49 -4.40 -3.37
CA ALA A 179 -0.45 -4.75 -4.30
C ALA A 179 0.90 -4.11 -3.94
N SER A 180 0.84 -2.86 -3.47
CA SER A 180 2.03 -2.14 -3.05
C SER A 180 2.78 -2.89 -1.94
N TYR A 181 2.08 -3.25 -0.87
CA TYR A 181 2.73 -3.98 0.22
C TYR A 181 3.10 -5.41 -0.12
N ALA A 182 2.31 -6.06 -0.97
CA ALA A 182 2.69 -7.41 -1.43
C ALA A 182 4.01 -7.36 -2.20
N LEU A 183 4.16 -6.38 -3.08
CA LEU A 183 5.44 -6.12 -3.74
C LEU A 183 6.63 -5.92 -2.78
N LEU A 184 6.47 -5.10 -1.76
CA LEU A 184 7.54 -4.86 -0.78
C LEU A 184 7.90 -6.14 -0.05
N VAL A 185 6.90 -6.93 0.34
CA VAL A 185 7.20 -8.23 0.96
C VAL A 185 8.04 -9.12 0.04
N HIS A 186 7.69 -9.19 -1.27
CA HIS A 186 8.50 -9.97 -2.23
C HIS A 186 9.94 -9.42 -2.33
N MET A 187 10.08 -8.10 -2.39
CA MET A 187 11.43 -7.49 -2.43
C MET A 187 12.21 -7.78 -1.16
N MET A 188 11.60 -7.61 -0.01
CA MET A 188 12.30 -7.82 1.25
C MET A 188 12.73 -9.28 1.39
N ALA A 189 11.85 -10.22 1.03
CA ALA A 189 12.13 -11.65 1.11
C ALA A 189 13.27 -12.04 0.18
N GLN A 190 13.27 -11.50 -1.04
CA GLN A 190 14.39 -11.74 -1.94
C GLN A 190 15.72 -11.27 -1.35
N GLN A 191 15.73 -10.07 -0.81
CA GLN A 191 16.94 -9.51 -0.23
C GLN A 191 17.45 -10.28 0.99
N CYS A 192 16.54 -10.94 1.70
CA CYS A 192 16.87 -11.65 2.91
C CYS A 192 16.90 -13.13 2.70
N ASP A 193 16.77 -13.57 1.45
CA ASP A 193 16.74 -15.00 1.17
C ASP A 193 15.66 -15.77 1.92
N LEU A 194 14.44 -15.23 1.96
CA LEU A 194 13.36 -15.94 2.62
C LEU A 194 12.31 -16.21 1.58
N GLU A 195 11.36 -17.08 1.90
CA GLU A 195 10.20 -17.31 1.07
C GLU A 195 9.14 -16.29 1.49
N VAL A 196 8.16 -16.03 0.61
CA VAL A 196 7.05 -15.14 0.97
C VAL A 196 6.00 -15.90 1.80
N GLY A 197 5.47 -15.25 2.83
CA GLY A 197 4.45 -15.87 3.63
C GLY A 197 3.14 -15.15 3.38
N ASP A 198 2.59 -14.55 4.44
CA ASP A 198 1.28 -13.91 4.36
C ASP A 198 1.40 -12.39 4.34
N PHE A 199 0.51 -11.73 3.60
CA PHE A 199 0.26 -10.30 3.81
C PHE A 199 -1.07 -10.18 4.54
N VAL A 200 -1.02 -9.59 5.74
CA VAL A 200 -2.21 -9.42 6.57
C VAL A 200 -2.55 -7.93 6.51
N TRP A 201 -3.73 -7.61 6.02
CA TRP A 201 -4.20 -6.22 5.96
C TRP A 201 -5.20 -5.93 7.09
N THR A 202 -4.96 -4.88 7.89
CA THR A 202 -5.90 -4.50 8.93
C THR A 202 -6.37 -3.09 8.72
N GLY A 203 -7.67 -2.88 8.75
CA GLY A 203 -8.20 -1.52 8.48
C GLY A 203 -8.84 -0.91 9.72
N GLY A 204 -8.72 0.41 9.89
CA GLY A 204 -9.58 1.19 10.79
C GLY A 204 -10.87 1.60 10.07
N ASP A 205 -11.03 2.88 9.73
CA ASP A 205 -12.25 3.36 9.04
C ASP A 205 -12.20 2.92 7.60
N THR A 206 -12.98 1.87 7.30
CA THR A 206 -12.91 1.23 5.99
C THR A 206 -14.20 1.60 5.27
N HIS A 207 -14.12 2.29 4.14
CA HIS A 207 -15.31 2.96 3.63
C HIS A 207 -15.46 2.92 2.10
N LEU A 208 -16.70 3.03 1.64
CA LEU A 208 -17.02 3.30 0.23
C LEU A 208 -17.56 4.71 0.12
N TYR A 209 -17.01 5.49 -0.79
CA TYR A 209 -17.54 6.83 -0.99
C TYR A 209 -18.89 6.76 -1.67
N SER A 210 -19.77 7.72 -1.37
CA SER A 210 -21.14 7.72 -1.92
C SER A 210 -21.18 7.86 -3.44
N ASN A 211 -20.16 8.47 -4.04
CA ASN A 211 -20.08 8.57 -5.51
C ASN A 211 -19.24 7.47 -6.16
N HIS A 212 -19.17 6.30 -5.50
CA HIS A 212 -18.56 5.09 -6.05
C HIS A 212 -19.55 3.93 -6.08
N MET A 213 -20.82 4.22 -5.85
CA MET A 213 -21.83 3.16 -5.68
C MET A 213 -22.16 2.39 -6.97
N ASP A 214 -22.35 3.12 -8.07
CA ASP A 214 -22.58 2.48 -9.38
C ASP A 214 -21.42 1.58 -9.74
N GLN A 215 -20.22 2.09 -9.47
CA GLN A 215 -18.96 1.41 -9.81
C GLN A 215 -18.81 0.16 -8.98
N THR A 216 -19.16 0.28 -7.71
CA THR A 216 -19.12 -0.88 -6.81
C THR A 216 -20.11 -1.98 -7.25
N HIS A 217 -21.33 -1.58 -7.59
CA HIS A 217 -22.31 -2.55 -8.08
C HIS A 217 -21.84 -3.21 -9.38
N LEU A 218 -21.27 -2.42 -10.29
CA LEU A 218 -20.70 -3.01 -11.49
C LEU A 218 -19.65 -4.08 -11.13
N GLN A 219 -18.63 -3.70 -10.35
CA GLN A 219 -17.56 -4.62 -10.06
C GLN A 219 -18.01 -5.87 -9.36
N LEU A 220 -18.98 -5.75 -8.46
CA LEU A 220 -19.49 -6.93 -7.72
C LEU A 220 -20.22 -7.96 -8.61
N SER A 221 -20.64 -7.55 -9.80
CA SER A 221 -21.26 -8.49 -10.76
C SER A 221 -20.22 -9.35 -11.49
N ARG A 222 -18.95 -9.03 -11.34
CA ARG A 222 -17.88 -9.74 -12.07
C ARG A 222 -17.26 -10.90 -11.30
N GLU A 223 -16.93 -11.97 -12.02
CA GLU A 223 -16.24 -13.13 -11.41
C GLU A 223 -14.73 -12.88 -11.35
N PRO A 224 -14.11 -13.13 -10.19
CA PRO A 224 -12.65 -13.00 -10.20
C PRO A 224 -11.94 -14.00 -11.15
N ARG A 225 -10.85 -13.54 -11.74
CA ARG A 225 -9.98 -14.32 -12.58
C ARG A 225 -8.87 -14.92 -11.69
N PRO A 226 -8.15 -15.95 -12.17
CA PRO A 226 -6.96 -16.45 -11.46
C PRO A 226 -5.92 -15.36 -11.23
N LEU A 227 -5.28 -15.42 -10.07
CA LEU A 227 -4.27 -14.43 -9.70
C LEU A 227 -3.06 -14.54 -10.61
N PRO A 228 -2.43 -13.39 -10.91
CA PRO A 228 -1.20 -13.43 -11.68
C PRO A 228 -0.03 -13.87 -10.79
N LYS A 229 1.11 -14.10 -11.42
CA LYS A 229 2.32 -14.44 -10.68
C LYS A 229 3.35 -13.33 -10.79
N LEU A 230 4.04 -13.05 -9.70
CA LEU A 230 5.05 -12.00 -9.73
C LEU A 230 6.39 -12.65 -9.97
N ILE A 231 7.09 -12.16 -10.99
CA ILE A 231 8.45 -12.59 -11.29
C ILE A 231 9.40 -11.42 -11.08
N ILE A 232 10.41 -11.59 -10.24
CA ILE A 232 11.48 -10.60 -10.15
C ILE A 232 12.67 -11.15 -10.95
N LYS A 233 13.10 -10.40 -11.94
CA LYS A 233 14.05 -10.89 -12.92
C LYS A 233 15.52 -10.79 -12.51
N ARG A 234 15.80 -9.99 -11.49
CA ARG A 234 17.17 -9.64 -11.14
C ARG A 234 17.17 -9.53 -9.63
N LYS A 235 18.30 -9.87 -8.99
CA LYS A 235 18.48 -9.56 -7.58
C LYS A 235 19.45 -8.41 -7.44
N PRO A 236 18.94 -7.18 -7.21
CA PRO A 236 19.78 -6.01 -7.06
C PRO A 236 20.66 -6.12 -5.82
N GLU A 237 21.67 -5.25 -5.72
CA GLU A 237 22.63 -5.29 -4.59
C GLU A 237 21.98 -4.95 -3.26
N SER A 238 20.93 -4.14 -3.32
CA SER A 238 20.22 -3.67 -2.15
C SER A 238 18.75 -3.43 -2.46
N ILE A 239 17.94 -3.26 -1.40
CA ILE A 239 16.51 -2.96 -1.51
C ILE A 239 16.28 -1.62 -2.20
N PHE A 240 17.31 -0.78 -2.28
CA PHE A 240 17.15 0.56 -2.87
C PHE A 240 17.53 0.61 -4.34
N ASP A 241 17.83 -0.53 -4.94
CA ASP A 241 18.38 -0.53 -6.29
C ASP A 241 17.49 -1.24 -7.30
N TYR A 242 16.23 -1.43 -6.93
CA TYR A 242 15.26 -2.02 -7.86
C TYR A 242 14.86 -0.99 -8.91
N ARG A 243 14.56 -1.49 -10.10
CA ARG A 243 14.10 -0.68 -11.22
C ARG A 243 12.74 -1.23 -11.68
N PHE A 244 11.96 -0.37 -12.30
CA PHE A 244 10.66 -0.74 -12.84
C PHE A 244 10.77 -2.00 -13.69
N GLU A 245 11.85 -2.11 -14.47
CA GLU A 245 12.04 -3.18 -15.46
C GLU A 245 12.29 -4.53 -14.80
N ASP A 246 12.61 -4.54 -13.50
CA ASP A 246 12.95 -5.80 -12.84
C ASP A 246 11.77 -6.67 -12.56
N PHE A 247 10.56 -6.11 -12.66
CA PHE A 247 9.33 -6.83 -12.32
C PHE A 247 8.53 -7.23 -13.53
N GLU A 248 8.02 -8.44 -13.48
CA GLU A 248 7.18 -8.98 -14.52
C GLU A 248 5.95 -9.57 -13.83
N ILE A 249 4.77 -9.17 -14.24
CA ILE A 249 3.54 -9.73 -13.72
C ILE A 249 2.97 -10.62 -14.85
N GLU A 250 3.03 -11.92 -14.63
CA GLU A 250 2.67 -12.89 -15.63
C GLU A 250 1.25 -13.41 -15.42
N GLY A 251 0.48 -13.48 -16.52
CA GLY A 251 -0.87 -14.04 -16.46
C GLY A 251 -1.91 -13.14 -15.80
N TYR A 252 -1.78 -11.83 -16.03
CA TYR A 252 -2.72 -10.84 -15.50
C TYR A 252 -3.75 -10.56 -16.57
N ASP A 253 -4.99 -10.96 -16.33
CA ASP A 253 -6.01 -10.86 -17.37
C ASP A 253 -7.30 -10.31 -16.75
N PRO A 254 -7.29 -9.01 -16.47
CA PRO A 254 -8.34 -8.39 -15.72
C PRO A 254 -9.57 -8.10 -16.57
N HIS A 255 -10.70 -7.92 -15.91
CA HIS A 255 -11.88 -7.30 -16.51
C HIS A 255 -11.56 -5.85 -16.79
N PRO A 256 -12.37 -5.17 -17.60
CA PRO A 256 -12.08 -3.75 -17.94
C PRO A 256 -11.98 -2.80 -16.73
N GLY A 257 -11.23 -1.73 -16.92
CA GLY A 257 -11.08 -0.72 -15.90
C GLY A 257 -12.38 0.03 -15.70
N ILE A 258 -12.54 0.61 -14.49
CA ILE A 258 -13.74 1.34 -14.11
C ILE A 258 -13.33 2.71 -13.58
N LYS A 259 -13.78 3.77 -14.24
CA LYS A 259 -13.40 5.13 -13.84
C LYS A 259 -14.20 5.54 -12.61
N ALA A 260 -13.53 6.21 -11.67
CA ALA A 260 -14.23 6.75 -10.49
C ALA A 260 -13.50 7.99 -10.03
N PRO A 261 -14.25 9.00 -9.57
CA PRO A 261 -13.56 10.22 -9.13
C PRO A 261 -12.95 10.03 -7.73
N VAL A 262 -11.81 10.65 -7.48
CA VAL A 262 -11.19 10.68 -6.15
C VAL A 262 -11.73 11.85 -5.32
N ALA A 263 -11.99 11.59 -4.03
CA ALA A 263 -12.43 12.60 -3.11
C ALA A 263 -11.20 13.32 -2.59
N ILE A 264 -11.14 14.62 -2.81
CA ILE A 264 -9.94 15.39 -2.41
C ILE A 264 -9.97 15.91 -0.97
#